data_5L00
#
_entry.id   5L00
#
_cell.length_a   43.846
_cell.length_b   43.846
_cell.length_c   86.450
_cell.angle_alpha   90.00
_cell.angle_beta   90.00
_cell.angle_gamma   120.00
#
_symmetry.space_group_name_H-M   'P 3'
#
loop_
_entity.id
_entity.type
_entity.pdbx_description
1 polymer "RNA (5'-R(*(LCC)P*(LCC)P*(LCC)P*(LCG)P*AP*CP*UP*UP*AP*AP*GP*UP*CP*GP*G)-3')"
2 non-polymer "GUANOSINE-5'-MONOPHOSPHATE"
3 non-polymer 'MAGNESIUM ION'
4 water water
#
_entity_poly.entity_id   1
_entity_poly.type   'polyribonucleotide'
_entity_poly.pdbx_seq_one_letter_code
;(LCC)(LCC)(LCC)(LCG)ACUUAAGUCGG
;
_entity_poly.pdbx_strand_id   A,B,C,D
#